data_4FNE
#
_entry.id   4FNE
#
_cell.length_a   52.795
_cell.length_b   111.618
_cell.length_c   130.765
_cell.angle_alpha   90.00
_cell.angle_beta   90.00
_cell.angle_gamma   90.00
#
_symmetry.space_group_name_H-M   'C 2 2 21'
#
loop_
_entity.id
_entity.type
_entity.pdbx_description
1 polymer 'Steroid receptor 2'
2 non-polymer DESOXYCORTICOSTERONE
3 non-polymer 'SULFATE ION'
4 non-polymer GLYCEROL
5 non-polymer '2-(N-MORPHOLINO)-ETHANESULFONIC ACID'
6 non-polymer 3-[(3-CHOLAMIDOPROPYL)DIMETHYLAMMONIO]-1-PROPANESULFONATE
7 water water
#
_entity_poly.entity_id   1
_entity_poly.type   'polypeptide(L)'
_entity_poly.pdbx_seq_one_letter_code
;NASNAPSLISILQAIEPEVVYAGYDNTQPDTTNYLLSSLNRLAEKQLVSVVKWAKALPGFRNLHLDDQMTLIQYSWMGLM
AFAMGWRSYKHTNGQMLYFAPDLIFNEQRMQQSAMYDLCQGMQQISQEFVRLQVTQEEFLCMKALLLLSTVPKEGLKSQA
SFDEMRMNYIKELNRAIAKKENNSAQNWQRFYQLTKLLDSMHDLVGGLLQFCFYTFVQSQALSVEFPEMLVEIISAQLPK
VLAGMAKPLLFHKK
;
_entity_poly.pdbx_strand_id   A
#
loop_
_chem_comp.id
_chem_comp.type
_chem_comp.name
_chem_comp.formula
1CA non-polymer DESOXYCORTICOSTERONE 'C21 H30 O3'
CPS non-polymer 3-[(3-CHOLAMIDOPROPYL)DIMETHYLAMMONIO]-1-PROPANESULFONATE 'C32 H58 N2 O7 S'
GOL non-polymer GLYCEROL 'C3 H8 O3'
MES non-polymer '2-(N-MORPHOLINO)-ETHANESULFONIC ACID' 'C6 H13 N O4 S'
SO4 non-polymer 'SULFATE ION' 'O4 S -2'
#
# COMPACT_ATOMS: atom_id res chain seq x y z
N ASN A 4 -18.44 -0.79 -26.22
CA ASN A 4 -17.07 -1.09 -25.66
C ASN A 4 -17.02 -1.93 -24.37
N ALA A 5 -15.86 -2.51 -24.07
CA ALA A 5 -15.68 -3.37 -22.88
C ALA A 5 -15.60 -2.58 -21.56
N PRO A 6 -16.04 -3.19 -20.43
CA PRO A 6 -15.96 -2.60 -19.08
C PRO A 6 -14.56 -2.10 -18.74
N SER A 7 -14.49 -0.84 -18.29
CA SER A 7 -13.21 -0.15 -18.08
C SER A 7 -12.40 -0.85 -17.00
N LEU A 8 -11.11 -0.56 -16.91
CA LEU A 8 -10.34 -1.05 -15.76
C LEU A 8 -11.03 -0.57 -14.48
N ILE A 9 -11.39 0.70 -14.38
CA ILE A 9 -12.01 1.14 -13.11
C ILE A 9 -13.24 0.32 -12.74
N SER A 10 -14.01 -0.11 -13.73
CA SER A 10 -15.23 -0.84 -13.41
C SER A 10 -14.81 -2.07 -12.67
N ILE A 11 -13.79 -2.75 -13.22
CA ILE A 11 -13.24 -3.97 -12.67
C ILE A 11 -12.62 -3.70 -11.32
N LEU A 12 -11.89 -2.60 -11.22
CA LEU A 12 -11.19 -2.25 -10.00
C LEU A 12 -12.12 -1.99 -8.86
N GLN A 13 -13.27 -1.38 -9.16
CA GLN A 13 -14.25 -1.10 -8.12
C GLN A 13 -14.87 -2.40 -7.69
N ALA A 14 -14.81 -3.37 -8.58
CA ALA A 14 -15.45 -4.65 -8.33
C ALA A 14 -14.54 -5.54 -7.49
N ILE A 15 -13.23 -5.48 -7.72
CA ILE A 15 -12.30 -6.41 -7.06
C ILE A 15 -11.72 -5.82 -5.80
N GLU A 16 -12.23 -4.65 -5.44
CA GLU A 16 -11.73 -3.97 -4.27
C GLU A 16 -12.05 -4.79 -3.04
N PRO A 17 -11.02 -5.11 -2.25
CA PRO A 17 -11.25 -5.94 -1.09
C PRO A 17 -12.07 -5.19 -0.06
N GLU A 18 -12.87 -5.95 0.67
CA GLU A 18 -13.59 -5.46 1.84
C GLU A 18 -12.63 -5.14 2.98
N VAL A 19 -13.13 -4.42 3.96
CA VAL A 19 -12.27 -4.00 5.02
C VAL A 19 -12.10 -5.16 5.98
N VAL A 20 -10.84 -5.40 6.33
CA VAL A 20 -10.51 -6.40 7.31
C VAL A 20 -10.68 -5.82 8.69
N TYR A 21 -11.19 -6.64 9.61
CA TYR A 21 -11.18 -6.36 11.03
C TYR A 21 -9.93 -6.97 11.61
N ALA A 22 -9.37 -6.35 12.65
CA ALA A 22 -8.13 -6.84 13.28
C ALA A 22 -8.36 -8.01 14.24
N GLY A 23 -9.47 -7.98 14.96
CA GLY A 23 -9.80 -8.99 15.97
C GLY A 23 -9.45 -8.42 17.33
N TYR A 24 -8.89 -7.22 17.30
CA TYR A 24 -8.33 -6.51 18.44
C TYR A 24 -9.24 -6.41 19.64
N ASP A 25 -8.63 -6.40 20.83
CA ASP A 25 -9.32 -6.03 22.06
C ASP A 25 -8.93 -4.61 22.50
N ASN A 26 -9.91 -3.71 22.44
CA ASN A 26 -9.69 -2.30 22.72
C ASN A 26 -9.78 -1.98 24.18
N THR A 27 -10.22 -2.97 24.97
CA THR A 27 -10.24 -2.84 26.44
C THR A 27 -8.84 -3.07 27.01
N GLN A 28 -8.14 -4.07 26.49
CA GLN A 28 -6.76 -4.27 26.87
C GLN A 28 -5.94 -2.99 26.62
N PRO A 29 -5.06 -2.62 27.56
CA PRO A 29 -4.22 -1.41 27.50
C PRO A 29 -3.33 -1.32 26.25
N ASP A 30 -2.78 -0.13 26.02
CA ASP A 30 -2.02 0.14 24.79
C ASP A 30 -0.52 -0.08 24.98
N THR A 31 -0.07 -1.30 24.71
CA THR A 31 1.31 -1.63 24.96
C THR A 31 2.05 -2.00 23.69
N THR A 32 2.99 -1.15 23.35
CA THR A 32 3.78 -1.28 22.14
C THR A 32 3.97 -2.70 21.57
N ASN A 33 4.06 -3.69 22.45
CA ASN A 33 4.13 -5.09 22.01
C ASN A 33 2.76 -5.60 21.56
N TYR A 34 1.73 -5.36 22.36
CA TYR A 34 0.38 -5.75 21.98
C TYR A 34 0.01 -5.08 20.65
N LEU A 35 0.11 -3.75 20.61
CA LEU A 35 -0.18 -3.02 19.36
C LEU A 35 0.49 -3.67 18.16
N LEU A 36 1.81 -3.74 18.16
CA LEU A 36 2.56 -4.22 16.99
C LEU A 36 2.27 -5.69 16.65
N SER A 37 1.95 -6.49 17.66
CA SER A 37 1.61 -7.89 17.42
C SER A 37 0.33 -7.83 16.62
N SER A 38 -0.65 -7.15 17.21
CA SER A 38 -1.97 -6.97 16.61
C SER A 38 -1.89 -6.46 15.18
N LEU A 39 -1.04 -5.47 14.92
CA LEU A 39 -0.87 -4.93 13.58
C LEU A 39 -0.52 -6.03 12.64
N ASN A 40 0.47 -6.84 13.04
CA ASN A 40 0.94 -7.94 12.23
C ASN A 40 -0.14 -8.98 12.00
N ARG A 41 -0.99 -9.23 12.97
CA ARG A 41 -1.99 -10.23 12.72
C ARG A 41 -2.72 -9.70 11.50
N LEU A 42 -3.09 -8.42 11.59
CA LEU A 42 -3.84 -7.73 10.55
C LEU A 42 -3.13 -7.77 9.21
N ALA A 43 -1.83 -7.53 9.21
CA ALA A 43 -1.05 -7.58 7.98
C ALA A 43 -1.15 -8.96 7.35
N GLU A 44 -1.41 -9.97 8.16
CA GLU A 44 -1.50 -11.30 7.61
C GLU A 44 -2.87 -11.42 6.96
N LYS A 45 -3.89 -10.92 7.67
CA LYS A 45 -5.27 -10.87 7.18
C LYS A 45 -5.39 -10.06 5.90
N GLN A 46 -4.56 -9.04 5.78
CA GLN A 46 -4.61 -8.18 4.62
C GLN A 46 -3.83 -8.80 3.48
N LEU A 47 -2.66 -9.35 3.79
CA LEU A 47 -1.87 -10.02 2.78
C LEU A 47 -2.68 -11.05 1.97
N VAL A 48 -3.55 -11.78 2.66
CA VAL A 48 -4.41 -12.70 1.94
C VAL A 48 -5.31 -11.92 0.97
N SER A 49 -6.03 -10.93 1.48
CA SER A 49 -6.92 -10.14 0.64
C SER A 49 -6.18 -9.41 -0.49
N VAL A 50 -5.01 -8.88 -0.19
CA VAL A 50 -4.15 -8.29 -1.22
C VAL A 50 -3.73 -9.24 -2.38
N VAL A 51 -3.38 -10.48 -2.06
CA VAL A 51 -2.86 -11.36 -3.10
C VAL A 51 -4.03 -11.79 -3.97
N LYS A 52 -5.11 -12.17 -3.29
CA LYS A 52 -6.37 -12.46 -3.94
C LYS A 52 -6.69 -11.30 -4.87
N TRP A 53 -6.65 -10.09 -4.31
CA TRP A 53 -6.86 -8.84 -5.07
C TRP A 53 -6.04 -8.77 -6.34
N ALA A 54 -4.75 -9.05 -6.22
CA ALA A 54 -3.79 -8.93 -7.32
C ALA A 54 -4.04 -9.96 -8.40
N LYS A 55 -4.49 -11.14 -8.00
CA LYS A 55 -4.83 -12.18 -8.97
C LYS A 55 -6.00 -11.75 -9.86
N ALA A 56 -7.01 -11.10 -9.27
CA ALA A 56 -8.13 -10.50 -10.01
C ALA A 56 -7.74 -9.35 -10.92
N LEU A 57 -6.63 -8.72 -10.60
CA LEU A 57 -6.22 -7.47 -11.24
C LEU A 57 -5.85 -7.66 -12.72
N PRO A 58 -6.63 -7.04 -13.63
CA PRO A 58 -6.51 -7.31 -15.09
C PRO A 58 -5.08 -7.23 -15.62
N GLY A 59 -4.67 -8.30 -16.30
CA GLY A 59 -3.33 -8.41 -16.85
C GLY A 59 -2.33 -9.07 -15.92
N PHE A 60 -2.56 -8.97 -14.61
CA PHE A 60 -1.60 -9.44 -13.63
C PHE A 60 -1.30 -10.94 -13.73
N ARG A 61 -2.35 -11.74 -13.86
CA ARG A 61 -2.23 -13.18 -14.11
C ARG A 61 -1.36 -13.50 -15.35
N ASN A 62 -1.31 -12.55 -16.30
CA ASN A 62 -0.58 -12.70 -17.57
C ASN A 62 0.93 -12.48 -17.43
N LEU A 63 1.36 -12.03 -16.26
CA LEU A 63 2.78 -11.94 -15.94
C LEU A 63 3.29 -13.30 -15.48
N HIS A 64 4.56 -13.58 -15.72
CA HIS A 64 5.16 -14.81 -15.20
C HIS A 64 5.01 -14.85 -13.71
N LEU A 65 4.81 -16.05 -13.17
CA LEU A 65 4.62 -16.25 -11.73
C LEU A 65 5.79 -15.72 -10.90
N ASP A 66 6.99 -15.78 -11.48
CA ASP A 66 8.18 -15.16 -10.90
C ASP A 66 7.91 -13.70 -10.60
N ASP A 67 7.49 -12.96 -11.63
CA ASP A 67 7.16 -11.54 -11.54
C ASP A 67 5.99 -11.29 -10.58
N GLN A 68 4.93 -12.07 -10.74
CA GLN A 68 3.80 -11.96 -9.86
C GLN A 68 4.24 -11.95 -8.40
N MET A 69 4.98 -12.97 -8.00
CA MET A 69 5.39 -13.08 -6.59
C MET A 69 6.39 -12.01 -6.15
N THR A 70 7.32 -11.68 -7.03
CA THR A 70 8.28 -10.60 -6.78
C THR A 70 7.61 -9.23 -6.48
N LEU A 71 6.82 -8.75 -7.47
CA LEU A 71 6.06 -7.51 -7.36
C LEU A 71 5.28 -7.47 -6.06
N ILE A 72 4.55 -8.55 -5.79
CA ILE A 72 3.82 -8.68 -4.55
C ILE A 72 4.75 -8.58 -3.35
N GLN A 73 5.85 -9.33 -3.42
CA GLN A 73 6.87 -9.28 -2.40
C GLN A 73 7.35 -7.85 -2.13
N TYR A 74 7.57 -7.07 -3.19
CA TYR A 74 8.07 -5.69 -2.98
C TYR A 74 6.97 -4.69 -2.57
N SER A 75 5.82 -4.75 -3.25
CA SER A 75 4.83 -3.70 -3.13
C SER A 75 3.84 -3.88 -1.98
N TRP A 76 3.79 -5.06 -1.37
CA TRP A 76 2.82 -5.37 -0.31
C TRP A 76 2.79 -4.38 0.82
N MET A 77 3.92 -3.73 1.11
CA MET A 77 3.98 -2.81 2.24
C MET A 77 3.31 -1.50 1.84
N GLY A 78 3.69 -0.99 0.68
CA GLY A 78 3.13 0.23 0.12
C GLY A 78 1.63 0.10 -0.11
N LEU A 79 1.22 -1.00 -0.71
CA LEU A 79 -0.19 -1.30 -0.85
C LEU A 79 -0.96 -1.15 0.46
N MET A 80 -0.47 -1.80 1.50
CA MET A 80 -1.22 -1.75 2.76
C MET A 80 -1.22 -0.37 3.42
N ALA A 81 -0.11 0.35 3.30
CA ALA A 81 0.03 1.68 3.89
C ALA A 81 -0.82 2.70 3.14
N PHE A 82 -0.87 2.55 1.83
CA PHE A 82 -1.67 3.39 0.98
C PHE A 82 -3.16 3.14 1.26
N ALA A 83 -3.59 1.89 1.21
CA ALA A 83 -5.00 1.64 1.46
C ALA A 83 -5.34 2.22 2.79
N MET A 84 -4.41 2.11 3.72
CA MET A 84 -4.61 2.62 5.08
C MET A 84 -4.65 4.16 5.09
N GLY A 85 -3.85 4.79 4.24
CA GLY A 85 -3.90 6.23 4.03
C GLY A 85 -5.27 6.61 3.50
N TRP A 86 -5.78 5.79 2.59
CA TRP A 86 -7.07 6.01 2.03
C TRP A 86 -8.16 5.90 3.04
N ARG A 87 -8.25 4.76 3.72
CA ARG A 87 -9.19 4.55 4.83
C ARG A 87 -9.12 5.65 5.89
N SER A 88 -7.93 5.99 6.36
CA SER A 88 -7.84 7.03 7.40
C SER A 88 -8.44 8.37 6.97
N TYR A 89 -8.37 8.63 5.67
CA TYR A 89 -8.98 9.79 5.04
C TYR A 89 -10.51 9.68 5.09
N LYS A 90 -11.06 8.67 4.43
CA LYS A 90 -12.51 8.49 4.42
C LYS A 90 -13.15 8.44 5.80
N HIS A 91 -12.52 7.79 6.75
CA HIS A 91 -13.22 7.43 7.97
C HIS A 91 -12.94 8.34 9.11
N THR A 92 -11.85 9.09 9.04
CA THR A 92 -11.42 9.94 10.17
C THR A 92 -10.80 11.21 9.63
N ASN A 93 -10.87 11.36 8.30
CA ASN A 93 -10.43 12.56 7.65
C ASN A 93 -8.99 12.91 8.02
N GLY A 94 -8.16 11.90 8.15
CA GLY A 94 -6.71 12.11 8.29
C GLY A 94 -6.25 12.34 9.70
N GLN A 95 -7.17 12.50 10.64
CA GLN A 95 -6.82 12.71 12.03
C GLN A 95 -6.22 11.47 12.66
N MET A 96 -6.81 10.32 12.37
CA MET A 96 -6.46 9.07 13.05
C MET A 96 -6.04 8.05 12.03
N LEU A 97 -5.25 7.08 12.48
CA LEU A 97 -4.77 6.05 11.59
C LEU A 97 -5.70 4.87 11.69
N TYR A 98 -6.34 4.55 10.57
CA TYR A 98 -7.46 3.65 10.57
C TYR A 98 -6.99 2.33 10.01
N PHE A 99 -6.27 1.59 10.84
CA PHE A 99 -5.75 0.30 10.41
C PHE A 99 -6.94 -0.61 10.10
N ALA A 100 -7.96 -0.57 10.96
CA ALA A 100 -9.18 -1.34 10.78
C ALA A 100 -10.23 -0.79 11.74
N PRO A 101 -11.53 -1.08 11.50
CA PRO A 101 -12.58 -0.48 12.35
C PRO A 101 -12.42 -0.71 13.85
N ASP A 102 -11.80 -1.84 14.21
CA ASP A 102 -11.53 -2.24 15.61
C ASP A 102 -10.14 -1.88 16.10
N LEU A 103 -9.30 -1.36 15.21
CA LEU A 103 -7.98 -0.95 15.60
C LEU A 103 -7.58 0.37 14.93
N ILE A 104 -8.08 1.47 15.50
CA ILE A 104 -7.78 2.82 15.03
C ILE A 104 -6.80 3.53 15.98
N PHE A 105 -5.66 3.93 15.45
CA PHE A 105 -4.69 4.69 16.24
C PHE A 105 -5.08 6.15 16.39
N ASN A 106 -5.03 6.65 17.61
CA ASN A 106 -5.04 8.08 17.87
C ASN A 106 -3.64 8.53 18.33
N GLU A 107 -3.58 9.61 19.10
CA GLU A 107 -2.29 10.16 19.50
C GLU A 107 -1.59 9.28 20.51
N GLN A 108 -2.36 8.76 21.46
CA GLN A 108 -1.83 7.93 22.55
C GLN A 108 -1.14 6.70 21.98
N ARG A 109 -1.78 6.10 20.98
CA ARG A 109 -1.34 4.82 20.47
C ARG A 109 -0.26 4.97 19.42
N MET A 110 -0.17 6.17 18.84
CA MET A 110 0.90 6.39 17.86
C MET A 110 2.17 6.53 18.65
N GLN A 111 2.02 7.11 19.84
CA GLN A 111 3.13 7.24 20.78
C GLN A 111 3.49 5.89 21.36
N GLN A 112 2.50 5.19 21.90
CA GLN A 112 2.71 3.84 22.40
C GLN A 112 3.31 2.85 21.37
N SER A 113 3.26 3.19 20.08
CA SER A 113 3.65 2.30 19.01
C SER A 113 5.14 2.05 18.93
N ALA A 114 5.93 3.04 19.38
CA ALA A 114 7.38 3.08 19.10
C ALA A 114 7.68 3.15 17.59
N MET A 115 6.70 3.53 16.78
CA MET A 115 6.97 3.90 15.38
C MET A 115 6.59 5.34 15.13
N TYR A 116 6.22 6.04 16.19
CA TYR A 116 5.68 7.42 16.13
C TYR A 116 6.00 8.29 14.91
N ASP A 117 7.26 8.35 14.51
CA ASP A 117 7.65 9.17 13.36
C ASP A 117 7.12 8.62 12.06
N LEU A 118 6.85 7.32 12.05
CA LEU A 118 6.31 6.64 10.87
C LEU A 118 4.79 6.78 10.79
N CYS A 119 4.11 6.65 11.95
CA CYS A 119 2.71 6.97 12.03
C CYS A 119 2.52 8.32 11.41
N GLN A 120 3.24 9.31 11.95
CA GLN A 120 3.24 10.68 11.44
C GLN A 120 3.36 10.74 9.91
N GLY A 121 4.30 10.00 9.36
CA GLY A 121 4.46 9.93 7.92
C GLY A 121 3.24 9.38 7.22
N MET A 122 2.67 8.30 7.75
CA MET A 122 1.51 7.68 7.12
C MET A 122 0.35 8.67 7.17
N GLN A 123 0.34 9.44 8.25
CA GLN A 123 -0.64 10.48 8.42
C GLN A 123 -0.47 11.58 7.37
N GLN A 124 0.74 12.06 7.19
CA GLN A 124 0.96 13.07 6.18
C GLN A 124 0.39 12.57 4.85
N ILE A 125 0.44 11.25 4.67
CA ILE A 125 -0.07 10.64 3.46
C ILE A 125 -1.58 10.76 3.37
N SER A 126 -2.25 10.46 4.47
CA SER A 126 -3.69 10.61 4.51
C SER A 126 -4.06 12.09 4.43
N GLN A 127 -3.32 12.94 5.14
CA GLN A 127 -3.52 14.37 5.05
C GLN A 127 -3.42 14.94 3.63
N GLU A 128 -2.57 14.32 2.80
CA GLU A 128 -2.49 14.65 1.39
C GLU A 128 -3.74 14.19 0.67
N PHE A 129 -4.14 12.96 0.94
CA PHE A 129 -5.38 12.44 0.39
C PHE A 129 -6.45 13.49 0.67
N VAL A 130 -6.44 14.03 1.88
CA VAL A 130 -7.40 15.02 2.31
C VAL A 130 -7.18 16.33 1.56
N ARG A 131 -5.94 16.83 1.54
CA ARG A 131 -5.66 18.08 0.87
C ARG A 131 -6.14 18.02 -0.59
N LEU A 132 -5.83 16.90 -1.24
CA LEU A 132 -6.07 16.73 -2.66
C LEU A 132 -7.51 16.33 -2.98
N GLN A 133 -8.27 15.99 -1.94
CA GLN A 133 -9.60 15.43 -2.12
C GLN A 133 -9.63 14.31 -3.15
N VAL A 134 -8.69 13.38 -3.00
CA VAL A 134 -8.63 12.19 -3.87
C VAL A 134 -9.98 11.51 -3.96
N THR A 135 -10.30 11.00 -5.15
CA THR A 135 -11.54 10.25 -5.39
C THR A 135 -11.27 8.75 -5.49
N GLN A 136 -12.31 7.95 -5.28
CA GLN A 136 -12.22 6.49 -5.38
C GLN A 136 -11.47 6.07 -6.61
N GLU A 137 -11.91 6.54 -7.76
CA GLU A 137 -11.32 6.08 -9.02
C GLU A 137 -9.83 6.47 -9.14
N GLU A 138 -9.49 7.68 -8.73
CA GLU A 138 -8.07 7.99 -8.71
C GLU A 138 -7.34 7.02 -7.78
N PHE A 139 -7.89 6.81 -6.59
CA PHE A 139 -7.32 5.88 -5.63
C PHE A 139 -7.10 4.44 -6.16
N LEU A 140 -8.10 3.90 -6.84
CA LEU A 140 -8.05 2.52 -7.26
C LEU A 140 -6.95 2.34 -8.27
N CYS A 141 -6.83 3.31 -9.19
CA CYS A 141 -5.79 3.29 -10.22
C CYS A 141 -4.42 3.57 -9.64
N MET A 142 -4.35 4.50 -8.68
CA MET A 142 -3.09 4.77 -8.00
C MET A 142 -2.58 3.53 -7.31
N LYS A 143 -3.45 2.90 -6.54
CA LYS A 143 -3.08 1.68 -5.83
C LYS A 143 -2.64 0.61 -6.83
N ALA A 144 -3.33 0.54 -7.96
CA ALA A 144 -2.99 -0.43 -8.98
C ALA A 144 -1.56 -0.11 -9.46
N LEU A 145 -1.29 1.14 -9.78
CA LEU A 145 0.06 1.55 -10.16
C LEU A 145 1.08 1.33 -9.05
N LEU A 146 0.64 1.36 -7.81
CA LEU A 146 1.58 1.29 -6.71
C LEU A 146 2.21 -0.10 -6.69
N LEU A 147 1.38 -1.10 -6.97
CA LEU A 147 1.87 -2.45 -7.17
C LEU A 147 2.95 -2.45 -8.25
N LEU A 148 2.63 -1.86 -9.39
CA LEU A 148 3.49 -1.85 -10.56
C LEU A 148 4.61 -0.80 -10.47
N SER A 149 5.02 -0.41 -9.26
CA SER A 149 5.96 0.71 -9.11
C SER A 149 7.24 0.37 -8.32
N THR A 150 7.51 -0.92 -8.14
CA THR A 150 8.75 -1.37 -7.50
C THR A 150 9.13 -2.68 -8.14
N VAL A 151 10.04 -2.61 -9.12
CA VAL A 151 10.45 -3.75 -9.94
C VAL A 151 11.88 -4.19 -9.64
N PRO A 152 12.19 -5.51 -9.78
CA PRO A 152 13.57 -5.97 -9.56
C PRO A 152 14.50 -5.36 -10.61
N LYS A 153 15.68 -4.89 -10.17
CA LYS A 153 16.61 -4.17 -11.05
C LYS A 153 17.09 -5.03 -12.22
N GLU A 154 17.28 -6.31 -11.94
CA GLU A 154 17.73 -7.23 -12.99
C GLU A 154 16.71 -7.47 -14.11
N GLY A 155 15.65 -6.65 -14.16
CA GLY A 155 14.55 -6.77 -15.14
C GLY A 155 13.46 -7.75 -14.73
N LEU A 156 12.51 -8.01 -15.64
CA LEU A 156 11.42 -8.97 -15.39
C LEU A 156 11.24 -9.97 -16.53
N LYS A 157 10.92 -11.22 -16.19
CA LYS A 157 10.57 -12.24 -17.18
C LYS A 157 9.64 -11.62 -18.23
N SER A 158 8.49 -11.13 -17.76
CA SER A 158 7.42 -10.60 -18.60
C SER A 158 7.58 -9.13 -19.02
N GLN A 159 8.76 -8.54 -18.80
CA GLN A 159 9.03 -7.11 -19.05
C GLN A 159 8.05 -6.32 -19.95
N ALA A 160 7.84 -6.80 -21.19
CA ALA A 160 7.09 -6.01 -22.18
C ALA A 160 5.60 -5.93 -21.86
N SER A 161 5.08 -7.05 -21.37
CA SER A 161 3.72 -7.17 -20.90
C SER A 161 3.47 -6.23 -19.69
N PHE A 162 4.43 -6.18 -18.77
CA PHE A 162 4.38 -5.27 -17.62
C PHE A 162 4.32 -3.82 -18.05
N ASP A 163 5.28 -3.40 -18.87
CA ASP A 163 5.36 -2.04 -19.33
C ASP A 163 4.04 -1.62 -19.95
N GLU A 164 3.38 -2.56 -20.61
CA GLU A 164 2.06 -2.33 -21.19
C GLU A 164 1.01 -2.14 -20.10
N MET A 165 0.97 -3.06 -19.14
CA MET A 165 0.10 -2.92 -17.98
C MET A 165 0.32 -1.52 -17.37
N ARG A 166 1.54 -1.23 -16.91
CA ARG A 166 1.85 0.10 -16.38
C ARG A 166 1.23 1.19 -17.24
N MET A 167 1.54 1.13 -18.53
CA MET A 167 0.95 2.05 -19.52
C MET A 167 -0.55 2.16 -19.29
N ASN A 168 -1.25 1.03 -19.36
CA ASN A 168 -2.70 1.00 -19.19
C ASN A 168 -3.19 1.67 -17.91
N TYR A 169 -2.48 1.45 -16.81
CA TYR A 169 -2.93 1.96 -15.53
C TYR A 169 -2.61 3.42 -15.38
N ILE A 170 -1.59 3.90 -16.10
CA ILE A 170 -1.42 5.34 -16.26
C ILE A 170 -2.59 5.88 -17.11
N LYS A 171 -2.89 5.20 -18.21
CA LYS A 171 -4.03 5.55 -19.07
C LYS A 171 -5.36 5.62 -18.35
N GLU A 172 -5.59 4.70 -17.42
CA GLU A 172 -6.85 4.74 -16.72
C GLU A 172 -6.81 5.70 -15.56
N LEU A 173 -5.62 5.96 -15.02
CA LEU A 173 -5.51 7.06 -14.06
C LEU A 173 -5.81 8.36 -14.80
N ASN A 174 -5.52 8.37 -16.09
CA ASN A 174 -5.77 9.55 -16.86
C ASN A 174 -7.26 9.71 -17.15
N ARG A 175 -7.91 8.61 -17.57
CA ARG A 175 -9.38 8.60 -17.72
C ARG A 175 -10.11 9.10 -16.46
N ALA A 176 -9.56 8.78 -15.29
CA ALA A 176 -10.16 9.10 -13.98
C ALA A 176 -9.95 10.55 -13.55
N ILE A 177 -8.79 11.12 -13.86
CA ILE A 177 -8.55 12.53 -13.59
C ILE A 177 -9.37 13.38 -14.55
N ALA A 178 -9.50 12.90 -15.79
CA ALA A 178 -10.24 13.58 -16.85
C ALA A 178 -11.72 13.79 -16.53
N LYS A 179 -12.34 12.80 -15.88
CA LYS A 179 -13.68 12.98 -15.29
C LYS A 179 -13.63 14.11 -14.25
N LYS A 180 -14.61 15.03 -14.30
CA LYS A 180 -14.63 16.26 -13.47
C LYS A 180 -14.44 17.49 -14.36
N GLU A 181 -14.06 17.26 -15.63
CA GLU A 181 -13.77 18.30 -16.64
C GLU A 181 -12.41 18.97 -16.42
N ASN A 182 -12.41 20.30 -16.28
CA ASN A 182 -11.19 21.08 -15.96
C ASN A 182 -10.35 21.44 -17.19
N ASN A 183 -10.26 20.51 -18.13
CA ASN A 183 -9.39 20.67 -19.28
C ASN A 183 -7.91 20.63 -18.91
N SER A 184 -7.10 20.59 -19.96
CA SER A 184 -5.67 20.40 -19.91
C SER A 184 -4.99 20.72 -18.58
N ALA A 185 -4.85 22.01 -18.28
CA ALA A 185 -3.88 22.45 -17.27
C ALA A 185 -4.14 21.89 -15.88
N GLN A 186 -5.42 21.85 -15.54
CA GLN A 186 -5.88 21.44 -14.22
C GLN A 186 -5.53 19.96 -14.07
N ASN A 187 -6.09 19.15 -14.97
CA ASN A 187 -5.63 17.80 -15.22
C ASN A 187 -4.15 17.61 -15.02
N TRP A 188 -3.35 18.40 -15.72
CA TRP A 188 -1.94 18.29 -15.58
C TRP A 188 -1.50 18.36 -14.13
N GLN A 189 -1.82 19.44 -13.43
CA GLN A 189 -1.41 19.60 -12.05
CA GLN A 189 -1.32 19.56 -12.06
C GLN A 189 -1.84 18.39 -11.22
N ARG A 190 -3.03 17.90 -11.54
CA ARG A 190 -3.64 16.78 -10.85
C ARG A 190 -2.73 15.58 -11.05
N PHE A 191 -2.72 15.04 -12.25
CA PHE A 191 -1.76 14.02 -12.61
C PHE A 191 -0.46 14.20 -11.84
N TYR A 192 0.09 15.41 -11.86
CA TYR A 192 1.33 15.65 -11.17
C TYR A 192 1.19 15.30 -9.71
N GLN A 193 0.22 15.92 -9.05
CA GLN A 193 0.04 15.78 -7.61
C GLN A 193 -0.16 14.34 -7.19
N LEU A 194 -1.00 13.63 -7.93
CA LEU A 194 -1.30 12.26 -7.62
C LEU A 194 -0.03 11.44 -7.72
N THR A 195 0.50 11.34 -8.95
CA THR A 195 1.78 10.67 -9.17
C THR A 195 2.86 11.12 -8.18
N LYS A 196 2.88 12.39 -7.84
CA LYS A 196 3.83 12.83 -6.83
C LYS A 196 3.50 12.13 -5.52
N LEU A 197 2.22 12.05 -5.19
CA LEU A 197 1.81 11.33 -3.99
C LEU A 197 2.25 9.85 -4.07
N LEU A 198 1.93 9.18 -5.18
CA LEU A 198 2.52 7.88 -5.43
C LEU A 198 4.03 7.84 -5.16
N ASP A 199 4.78 8.71 -5.81
CA ASP A 199 6.22 8.65 -5.70
C ASP A 199 6.72 8.83 -4.27
N SER A 200 6.06 9.69 -3.52
CA SER A 200 6.40 9.88 -2.11
C SER A 200 6.13 8.62 -1.26
N MET A 201 5.48 7.64 -1.88
CA MET A 201 5.11 6.44 -1.16
C MET A 201 6.35 5.64 -0.83
N HIS A 202 7.23 5.48 -1.82
CA HIS A 202 8.50 4.76 -1.65
C HIS A 202 9.26 5.21 -0.46
N ASP A 203 9.52 6.52 -0.40
CA ASP A 203 10.06 7.18 0.80
C ASP A 203 9.60 6.50 2.07
N LEU A 204 8.29 6.58 2.30
CA LEU A 204 7.69 6.10 3.52
C LEU A 204 7.85 4.59 3.66
N VAL A 205 7.56 3.87 2.59
CA VAL A 205 7.72 2.43 2.61
C VAL A 205 9.13 2.11 3.11
N GLY A 206 10.13 2.81 2.56
CA GLY A 206 11.50 2.77 3.08
C GLY A 206 11.52 2.62 4.61
N GLY A 207 11.18 3.70 5.31
CA GLY A 207 11.18 3.69 6.77
C GLY A 207 10.40 2.53 7.34
N LEU A 208 9.38 2.11 6.60
CA LEU A 208 8.44 1.12 7.09
C LEU A 208 9.05 -0.26 7.03
N LEU A 209 9.60 -0.60 5.86
CA LEU A 209 10.33 -1.84 5.68
C LEU A 209 11.46 -1.89 6.71
N GLN A 210 12.35 -0.90 6.67
CA GLN A 210 13.38 -0.72 7.69
C GLN A 210 12.88 -1.14 9.08
N PHE A 211 11.94 -0.39 9.66
CA PHE A 211 11.43 -0.72 11.00
C PHE A 211 10.81 -2.11 11.04
N CYS A 212 10.34 -2.57 9.87
CA CYS A 212 9.66 -3.86 9.78
C CYS A 212 10.65 -5.01 10.01
N PHE A 213 11.71 -4.99 9.23
CA PHE A 213 12.84 -5.89 9.37
C PHE A 213 13.42 -5.83 10.76
N TYR A 214 13.76 -4.61 11.18
CA TYR A 214 14.23 -4.37 12.53
C TYR A 214 13.37 -5.13 13.55
N THR A 215 12.09 -4.83 13.57
CA THR A 215 11.21 -5.51 14.47
C THR A 215 11.21 -7.00 14.27
N PHE A 216 11.60 -7.44 13.06
CA PHE A 216 11.45 -8.85 12.68
C PHE A 216 12.57 -9.69 13.28
N VAL A 217 13.80 -9.32 12.90
CA VAL A 217 15.00 -9.84 13.51
C VAL A 217 14.87 -9.87 15.06
N GLN A 218 14.59 -8.71 15.66
CA GLN A 218 14.57 -8.56 17.12
C GLN A 218 13.22 -8.94 17.73
N SER A 219 12.51 -9.86 17.09
CA SER A 219 11.12 -10.12 17.49
C SER A 219 10.97 -10.69 18.89
N GLN A 220 11.74 -11.75 19.18
CA GLN A 220 11.76 -12.36 20.52
C GLN A 220 12.36 -11.42 21.57
N ALA A 221 13.41 -10.69 21.18
CA ALA A 221 13.93 -9.57 21.96
C ALA A 221 12.76 -8.67 22.37
N LEU A 222 12.04 -8.14 21.38
CA LEU A 222 10.97 -7.15 21.60
C LEU A 222 9.58 -7.70 21.97
N SER A 223 9.42 -9.01 22.01
CA SER A 223 8.10 -9.68 22.25
C SER A 223 6.95 -9.25 21.30
N VAL A 224 7.30 -9.07 20.03
CA VAL A 224 6.32 -8.78 18.98
C VAL A 224 6.06 -10.01 18.12
N GLU A 225 4.82 -10.51 18.22
CA GLU A 225 4.41 -11.71 17.52
C GLU A 225 3.97 -11.54 16.04
N PHE A 226 4.94 -11.83 15.15
CA PHE A 226 4.70 -12.01 13.71
C PHE A 226 4.03 -13.35 13.41
N PRO A 227 2.84 -13.34 12.78
CA PRO A 227 2.25 -14.62 12.39
C PRO A 227 2.97 -15.30 11.19
N GLU A 228 2.43 -16.44 10.78
CA GLU A 228 3.11 -17.42 9.94
C GLU A 228 3.37 -16.97 8.49
N MET A 229 2.29 -16.58 7.80
CA MET A 229 2.31 -16.05 6.41
C MET A 229 3.19 -14.82 6.36
N LEU A 230 3.09 -14.04 7.42
CA LEU A 230 3.93 -12.88 7.65
C LEU A 230 5.41 -13.26 7.77
N VAL A 231 5.69 -14.34 8.50
CA VAL A 231 7.07 -14.88 8.63
C VAL A 231 7.59 -15.18 7.20
N GLU A 232 6.77 -15.94 6.48
CA GLU A 232 7.09 -16.37 5.12
C GLU A 232 7.45 -15.19 4.20
N ILE A 233 6.53 -14.25 4.05
CA ILE A 233 6.68 -13.13 3.12
C ILE A 233 7.82 -12.18 3.50
N ILE A 234 7.88 -11.76 4.77
CA ILE A 234 8.93 -10.79 5.17
C ILE A 234 10.27 -11.42 4.88
N SER A 235 10.39 -12.67 5.33
CA SER A 235 11.58 -13.47 5.13
C SER A 235 12.06 -13.54 3.69
N ALA A 236 11.14 -13.84 2.75
CA ALA A 236 11.51 -14.01 1.35
C ALA A 236 11.81 -12.65 0.71
N GLN A 237 11.23 -11.60 1.29
CA GLN A 237 11.42 -10.25 0.78
C GLN A 237 12.79 -9.75 1.23
N LEU A 238 13.04 -9.88 2.54
CA LEU A 238 14.21 -9.30 3.23
C LEU A 238 15.56 -9.34 2.49
N PRO A 239 16.01 -10.53 2.05
CA PRO A 239 17.32 -10.54 1.41
C PRO A 239 17.37 -9.85 0.03
N LYS A 240 16.29 -9.90 -0.74
CA LYS A 240 16.22 -9.25 -2.06
C LYS A 240 16.28 -7.74 -1.89
N VAL A 241 15.58 -7.28 -0.85
CA VAL A 241 15.45 -5.87 -0.53
C VAL A 241 16.80 -5.26 -0.16
N LEU A 242 17.47 -5.90 0.80
CA LEU A 242 18.80 -5.51 1.24
C LEU A 242 19.78 -5.52 0.09
N ALA A 243 19.76 -6.61 -0.68
CA ALA A 243 20.59 -6.76 -1.87
C ALA A 243 20.48 -5.58 -2.84
N GLY A 244 19.41 -4.79 -2.67
CA GLY A 244 19.09 -3.70 -3.59
C GLY A 244 18.49 -4.21 -4.89
N MET A 245 17.86 -5.38 -4.83
CA MET A 245 17.20 -5.98 -5.99
C MET A 245 15.99 -5.15 -6.45
N ALA A 246 15.25 -4.62 -5.48
CA ALA A 246 14.05 -3.81 -5.70
C ALA A 246 14.40 -2.38 -6.11
N LYS A 247 13.83 -1.92 -7.23
CA LYS A 247 14.02 -0.54 -7.70
C LYS A 247 12.71 0.21 -8.05
N PRO A 248 12.31 1.17 -7.20
CA PRO A 248 11.17 2.06 -7.43
C PRO A 248 11.11 2.61 -8.87
N LEU A 249 9.96 2.48 -9.52
CA LEU A 249 9.68 3.15 -10.80
C LEU A 249 9.04 4.52 -10.56
N LEU A 250 9.63 5.59 -11.09
CA LEU A 250 9.17 6.96 -10.78
C LEU A 250 8.62 7.80 -11.95
N PHE A 251 8.22 9.05 -11.64
CA PHE A 251 7.71 10.00 -12.63
C PHE A 251 8.47 11.30 -12.45
C1 1CA B . -0.68 -3.53 8.59
C2 1CA B . -1.96 -3.16 7.89
C3 1CA B . -2.21 -1.91 7.49
C4 1CA B . -1.18 -1.11 7.16
C5 1CA B . 0.05 -1.30 7.68
C6 1CA B . 0.88 -0.24 7.71
C7 1CA B . 2.11 -0.20 8.60
C8 1CA B . 2.57 -1.59 8.96
C9 1CA B . 1.36 -2.40 9.41
C10 1CA B . 0.51 -2.67 8.18
C11 1CA B . 1.68 -3.67 10.23
C12 1CA B . 2.77 -3.47 11.30
C13 1CA B . 4.02 -2.87 10.66
C14 1CA B . 3.60 -1.54 10.06
C15 1CA B . 4.91 -0.84 9.70
C16 1CA B . 5.76 -1.16 10.92
C17 1CA B . 5.06 -2.32 11.65
C18 1CA B . 4.61 -3.87 9.64
C19 1CA B . 1.34 -3.34 7.08
C20 1CA B . 6.10 -3.29 12.17
C21 1CA B . 5.75 -4.13 13.37
O3 1CA B . -3.35 -1.49 7.40
O20 1CA B . 7.22 -3.43 11.65
O21 1CA B . 5.56 -5.46 12.86
S SO4 C . 6.34 -11.27 -22.26
O1 SO4 C . 5.82 -11.84 -23.52
O2 SO4 C . 5.38 -11.54 -21.17
O3 SO4 C . 7.66 -11.88 -21.95
O4 SO4 C . 6.52 -9.80 -22.41
S SO4 D . -15.26 9.20 -4.15
O1 SO4 D . -16.72 9.19 -3.98
O2 SO4 D . -14.94 8.88 -5.56
O3 SO4 D . -14.72 10.56 -3.85
O4 SO4 D . -14.69 8.19 -3.21
C1 GOL E . -0.43 11.43 -21.00
O1 GOL E . -1.13 12.60 -20.56
C2 GOL E . 0.91 11.89 -21.56
O2 GOL E . 1.70 12.42 -20.49
C3 GOL E . 1.65 10.73 -22.24
O3 GOL E . 2.71 11.28 -23.04
C1 GOL F . -14.26 -0.54 1.84
O1 GOL F . -13.59 -0.81 0.60
C2 GOL F . -13.40 0.27 2.84
O2 GOL F . -12.27 -0.50 3.31
C3 GOL F . -12.89 1.57 2.24
O3 GOL F . -12.96 2.61 3.22
O1 MES G . 0.38 -17.26 -0.14
C2 MES G . 1.09 -17.74 -1.27
C3 MES G . 2.54 -17.27 -1.18
N4 MES G . 2.69 -15.81 -0.90
C5 MES G . 1.66 -15.23 -0.01
C6 MES G . 0.27 -15.84 -0.21
C7 MES G . 4.00 -15.58 -0.25
C8 MES G . 5.12 -15.34 -1.27
S MES G . 6.47 -16.28 -0.92
O1S MES G . 7.66 -16.33 -1.82
O2S MES G . 6.27 -17.40 0.07
O3S MES G . 5.89 -17.21 -1.93
C1 CPS H . 20.55 -4.91 10.50
C2 CPS H . 19.92 -4.70 9.13
C3 CPS H . 22.17 -4.03 8.05
C4 CPS H . 22.99 -3.10 7.12
C5 CPS H . 22.18 -2.51 5.94
C6 CPS H . 20.86 -1.90 6.49
C7 CPS H . 20.27 -1.07 5.33
C8 CPS H . 21.51 -0.63 4.50
C9 CPS H . 22.74 -1.27 5.19
C10 CPS H . 21.96 -3.62 4.90
C11 CPS H . 20.08 -5.98 8.31
C12 CPS H . 19.81 -5.96 11.33
C13 CPS H . 18.34 -5.61 11.53
C14 CPS H . 17.90 -4.40 10.71
C15 CPS H . 18.38 -4.48 9.25
C16 CPS H . 17.75 -3.30 8.51
C17 CPS H . 18.69 -2.25 7.94
C18 CPS H . 19.95 -2.88 7.31
C19 CPS H . 20.74 -3.58 8.44
C20 CPS H . 23.90 -1.51 4.20
O2 CPS H . 18.15 -5.30 12.91
O3 CPS H . 19.04 -1.35 9.01
O4 CPS H . 23.62 -2.11 7.93
#